data_1PLU
#
_entry.id   1PLU
#
_cell.length_a   72.600
_cell.length_b   80.600
_cell.length_c   95.700
_cell.angle_alpha   90.00
_cell.angle_beta   90.00
_cell.angle_gamma   90.00
#
_symmetry.space_group_name_H-M   'P 21 21 21'
#
loop_
_entity.id
_entity.type
_entity.pdbx_description
1 polymer 'PROTEIN (PECTATE LYASE C)'
2 non-polymer 'LUTETIUM (III) ION'
#
_entity_poly.entity_id   1
_entity_poly.type   'polypeptide(L)'
_entity_poly.pdbx_seq_one_letter_code
;ATDTGGYAATAGGNVTGAVSKTATSMQDIVNIIDAARLDANGKKVKGGAYPLVITYTGNEDSLINAAAANICGQWSKDPR
GVEIKEFTKGITIIGANGSSANFGIWIKKSSDVVVQNMRIGYLPGGAKDGDMIRVDDSPNVWVDHNELFAANHECDGTPD
NDTTFESAVDIKGASNTVTVSYNYIHGVKKVGLDGSSSSDTGRNITYHHNYYNDVNARLPLQRGGLVHAYNNLYTNITGS
GLNVRQNGQALIENNWFEKAINPVTSRYDGKNFGTWVLKGNNITKPADFSTYSITWTADTKPYVNADSWTSTGTFPTVAY
NYSPVSAQCVKDKLPGYAGVGKNLATLTSTACK
;
_entity_poly.pdbx_strand_id   A
#
loop_
_chem_comp.id
_chem_comp.type
_chem_comp.name
_chem_comp.formula
LU non-polymer 'LUTETIUM (III) ION' 'Lu 3'
#
# COMPACT_ATOMS: atom_id res chain seq x y z
N ALA A 1 -18.83 0.37 5.14
CA ALA A 1 -19.06 1.37 6.23
C ALA A 1 -17.74 2.10 6.46
N THR A 2 -17.77 3.10 7.34
CA THR A 2 -16.57 3.88 7.62
C THR A 2 -15.43 3.12 8.30
N ASP A 3 -15.72 1.95 8.87
CA ASP A 3 -14.69 1.16 9.54
C ASP A 3 -13.79 0.42 8.56
N THR A 4 -12.51 0.77 8.57
CA THR A 4 -11.51 0.17 7.70
C THR A 4 -10.44 -0.57 8.52
N GLY A 5 -10.56 -0.47 9.85
CA GLY A 5 -9.60 -1.10 10.73
C GLY A 5 -8.34 -0.26 10.86
N GLY A 6 -8.44 0.99 10.42
CA GLY A 6 -7.31 1.89 10.49
C GLY A 6 -7.75 3.34 10.58
N TYR A 7 -6.82 4.25 10.29
CA TYR A 7 -7.08 5.68 10.35
C TYR A 7 -8.09 6.20 9.33
N ALA A 8 -8.21 5.53 8.18
CA ALA A 8 -9.17 5.95 7.17
C ALA A 8 -10.59 5.56 7.57
N ALA A 9 -11.49 6.53 7.54
CA ALA A 9 -12.89 6.27 7.88
C ALA A 9 -13.68 6.63 6.64
N THR A 10 -13.93 5.64 5.78
CA THR A 10 -14.65 5.90 4.56
C THR A 10 -15.42 4.71 4.04
N ALA A 11 -16.45 4.99 3.25
CA ALA A 11 -17.30 3.97 2.65
C ALA A 11 -17.14 4.07 1.13
N GLY A 12 -16.36 5.06 0.70
CA GLY A 12 -16.13 5.27 -0.72
C GLY A 12 -17.41 5.59 -1.47
N GLY A 13 -17.65 4.84 -2.53
CA GLY A 13 -18.84 5.06 -3.33
C GLY A 13 -20.06 4.35 -2.79
N ASN A 14 -19.86 3.45 -1.84
CA ASN A 14 -21.00 2.70 -1.27
C ASN A 14 -21.77 3.48 -0.22
N VAL A 15 -22.38 4.57 -0.68
CA VAL A 15 -23.16 5.44 0.16
C VAL A 15 -24.54 5.62 -0.49
N THR A 16 -25.39 6.41 0.14
CA THR A 16 -26.74 6.66 -0.36
C THR A 16 -26.73 7.52 -1.63
N GLY A 17 -27.41 7.05 -2.67
CA GLY A 17 -27.47 7.80 -3.92
C GLY A 17 -26.41 7.44 -4.92
N ALA A 18 -25.62 6.41 -4.61
CA ALA A 18 -24.56 5.98 -5.49
C ALA A 18 -25.08 5.36 -6.78
N VAL A 19 -24.34 5.56 -7.86
CA VAL A 19 -24.69 5.00 -9.16
C VAL A 19 -23.63 3.93 -9.41
N SER A 20 -24.06 2.77 -9.89
CA SER A 20 -23.14 1.68 -10.19
C SER A 20 -22.91 1.58 -11.69
N LYS A 21 -21.65 1.56 -12.09
CA LYS A 21 -21.30 1.47 -13.50
C LYS A 21 -20.34 0.32 -13.65
N THR A 22 -20.33 -0.28 -14.85
CA THR A 22 -19.44 -1.38 -15.14
C THR A 22 -18.42 -0.88 -16.17
N ALA A 23 -17.14 -1.13 -15.90
CA ALA A 23 -16.08 -0.71 -16.80
C ALA A 23 -15.45 -1.98 -17.33
N THR A 24 -15.25 -2.03 -18.64
CA THR A 24 -14.66 -3.21 -19.26
C THR A 24 -13.23 -2.91 -19.69
N SER A 25 -12.84 -1.65 -19.57
CA SER A 25 -11.51 -1.25 -19.95
C SER A 25 -11.12 -0.02 -19.18
N MET A 26 -9.85 0.34 -19.28
CA MET A 26 -9.31 1.51 -18.62
C MET A 26 -10.08 2.73 -19.11
N GLN A 27 -10.27 2.80 -20.42
CA GLN A 27 -10.97 3.89 -21.07
C GLN A 27 -12.35 4.13 -20.52
N ASP A 28 -13.08 3.05 -20.24
CA ASP A 28 -14.42 3.16 -19.69
C ASP A 28 -14.37 3.80 -18.31
N ILE A 29 -13.38 3.42 -17.50
CA ILE A 29 -13.25 4.00 -16.15
C ILE A 29 -13.10 5.50 -16.28
N VAL A 30 -12.27 5.93 -17.22
CA VAL A 30 -12.04 7.35 -17.46
C VAL A 30 -13.33 8.02 -17.90
N ASN A 31 -14.02 7.43 -18.88
CA ASN A 31 -15.27 7.99 -19.38
C ASN A 31 -16.38 8.02 -18.33
N ILE A 32 -16.41 7.01 -17.47
CA ILE A 32 -17.41 6.93 -16.40
C ILE A 32 -17.20 8.05 -15.37
N ILE A 33 -15.96 8.21 -14.92
CA ILE A 33 -15.62 9.25 -13.94
C ILE A 33 -15.92 10.63 -14.52
N ASP A 34 -15.62 10.80 -15.80
CA ASP A 34 -15.86 12.06 -16.48
C ASP A 34 -17.35 12.40 -16.59
N ALA A 35 -18.16 11.39 -16.87
CA ALA A 35 -19.61 11.56 -16.98
C ALA A 35 -20.23 11.87 -15.63
N ALA A 36 -19.63 11.31 -14.58
CA ALA A 36 -20.09 11.50 -13.21
C ALA A 36 -19.86 12.89 -12.66
N ARG A 37 -19.35 13.79 -13.48
CA ARG A 37 -19.10 15.17 -13.07
C ARG A 37 -20.19 16.10 -13.57
N LEU A 38 -21.07 15.59 -14.42
CA LEU A 38 -22.14 16.39 -14.99
C LEU A 38 -23.46 16.22 -14.28
N ASP A 39 -24.13 17.34 -14.01
CA ASP A 39 -25.42 17.31 -13.36
C ASP A 39 -26.51 17.06 -14.42
N ALA A 40 -27.78 17.06 -14.00
CA ALA A 40 -28.91 16.83 -14.89
C ALA A 40 -28.93 17.75 -16.12
N ASN A 41 -28.42 18.97 -15.97
CA ASN A 41 -28.39 19.95 -17.06
C ASN A 41 -27.15 19.89 -17.95
N GLY A 42 -26.26 18.95 -17.69
CA GLY A 42 -25.05 18.83 -18.50
C GLY A 42 -23.93 19.78 -18.06
N LYS A 43 -24.07 20.33 -16.86
CA LYS A 43 -23.07 21.24 -16.32
C LYS A 43 -22.18 20.43 -15.40
N LYS A 44 -20.92 20.82 -15.28
CA LYS A 44 -20.00 20.13 -14.40
C LYS A 44 -20.22 20.56 -12.96
N VAL A 45 -19.93 19.66 -12.03
CA VAL A 45 -20.08 19.95 -10.62
C VAL A 45 -18.74 19.71 -9.93
N LYS A 46 -18.32 20.67 -9.11
CA LYS A 46 -17.05 20.56 -8.40
C LYS A 46 -17.04 19.35 -7.47
N GLY A 47 -16.08 18.45 -7.68
CA GLY A 47 -15.96 17.27 -6.85
C GLY A 47 -16.79 16.10 -7.33
N GLY A 48 -17.52 16.29 -8.43
CA GLY A 48 -18.35 15.25 -8.96
C GLY A 48 -19.82 15.54 -8.71
N ALA A 49 -20.69 14.92 -9.49
CA ALA A 49 -22.13 15.14 -9.36
C ALA A 49 -22.81 14.11 -8.46
N TYR A 50 -22.33 12.87 -8.49
CA TYR A 50 -22.93 11.80 -7.69
C TYR A 50 -21.90 10.73 -7.32
N PRO A 51 -22.18 9.92 -6.28
CA PRO A 51 -21.28 8.86 -5.83
C PRO A 51 -21.17 7.76 -6.87
N LEU A 52 -20.07 7.02 -6.84
CA LEU A 52 -19.85 5.95 -7.81
C LEU A 52 -19.27 4.69 -7.22
N VAL A 53 -19.67 3.57 -7.81
CA VAL A 53 -19.19 2.25 -7.44
C VAL A 53 -18.95 1.63 -8.80
N ILE A 54 -17.71 1.71 -9.26
CA ILE A 54 -17.33 1.18 -10.55
C ILE A 54 -16.79 -0.22 -10.39
N THR A 55 -17.37 -1.15 -11.12
CA THR A 55 -16.91 -2.53 -11.10
C THR A 55 -16.10 -2.70 -12.38
N TYR A 56 -14.85 -3.10 -12.23
CA TYR A 56 -13.97 -3.29 -13.36
C TYR A 56 -13.96 -4.77 -13.76
N THR A 57 -14.38 -5.04 -14.99
CA THR A 57 -14.46 -6.39 -15.51
C THR A 57 -13.37 -6.71 -16.53
N GLY A 58 -12.56 -5.71 -16.87
CA GLY A 58 -11.52 -5.90 -17.83
C GLY A 58 -10.46 -6.89 -17.37
N ASN A 59 -9.73 -7.43 -18.32
CA ASN A 59 -8.67 -8.37 -18.03
C ASN A 59 -7.52 -8.05 -18.97
N GLU A 60 -6.34 -7.81 -18.42
CA GLU A 60 -5.19 -7.47 -19.24
C GLU A 60 -4.03 -8.42 -19.02
N ASP A 61 -4.36 -9.67 -18.75
CA ASP A 61 -3.36 -10.71 -18.53
C ASP A 61 -2.38 -10.78 -19.68
N SER A 62 -2.86 -10.53 -20.90
CA SER A 62 -2.01 -10.57 -22.08
C SER A 62 -0.86 -9.56 -21.98
N LEU A 63 -1.17 -8.37 -21.46
CA LEU A 63 -0.18 -7.33 -21.28
C LEU A 63 0.78 -7.69 -20.14
N ILE A 64 0.22 -8.21 -19.05
CA ILE A 64 0.98 -8.61 -17.87
C ILE A 64 1.95 -9.78 -18.17
N ASN A 65 1.46 -10.78 -18.89
CA ASN A 65 2.25 -11.95 -19.25
C ASN A 65 3.39 -11.63 -20.20
N ALA A 66 3.15 -10.68 -21.11
CA ALA A 66 4.18 -10.25 -22.06
C ALA A 66 5.24 -9.40 -21.35
N ALA A 67 4.81 -8.62 -20.36
CA ALA A 67 5.70 -7.77 -19.55
C ALA A 67 6.58 -8.59 -18.63
N ALA A 68 5.99 -9.66 -18.08
CA ALA A 68 6.70 -10.55 -17.18
C ALA A 68 7.85 -11.28 -17.88
N ALA A 69 7.69 -11.49 -19.18
CA ALA A 69 8.70 -12.17 -20.00
C ALA A 69 9.75 -11.20 -20.50
N ASN A 70 9.43 -9.91 -20.46
CA ASN A 70 10.34 -8.87 -20.91
C ASN A 70 10.35 -7.75 -19.86
N ILE A 71 10.75 -8.11 -18.63
CA ILE A 71 10.83 -7.21 -17.49
C ILE A 71 11.54 -5.88 -17.76
N CYS A 72 12.70 -5.97 -18.38
CA CYS A 72 13.52 -4.80 -18.69
C CYS A 72 13.04 -3.92 -19.84
N GLY A 73 11.94 -4.30 -20.47
CA GLY A 73 11.42 -3.50 -21.57
C GLY A 73 10.30 -2.58 -21.13
N GLN A 74 9.90 -2.70 -19.87
CA GLN A 74 8.80 -1.90 -19.35
C GLN A 74 9.07 -0.45 -18.94
N TRP A 75 10.22 -0.19 -18.34
CA TRP A 75 10.52 1.15 -17.84
C TRP A 75 10.47 2.32 -18.82
N SER A 76 10.79 2.05 -20.09
CA SER A 76 10.80 3.08 -21.13
C SER A 76 9.45 3.36 -21.80
N LYS A 77 8.48 2.46 -21.60
CA LYS A 77 7.17 2.63 -22.19
C LYS A 77 6.39 3.74 -21.50
N ASP A 78 5.35 4.22 -22.16
CA ASP A 78 4.50 5.27 -21.59
C ASP A 78 3.80 4.64 -20.39
N PRO A 79 3.66 5.41 -19.29
CA PRO A 79 2.98 4.87 -18.11
C PRO A 79 1.48 4.85 -18.37
N ARG A 80 0.78 3.91 -17.76
CA ARG A 80 -0.66 3.80 -17.94
C ARG A 80 -1.35 3.86 -16.60
N GLY A 81 -2.38 4.69 -16.51
CA GLY A 81 -3.11 4.80 -15.26
C GLY A 81 -4.33 5.67 -15.38
N VAL A 82 -5.30 5.41 -14.51
CA VAL A 82 -6.53 6.17 -14.45
C VAL A 82 -6.30 7.19 -13.34
N GLU A 83 -6.48 8.46 -13.64
CA GLU A 83 -6.29 9.50 -12.64
C GLU A 83 -7.62 9.93 -12.05
N ILE A 84 -7.74 9.85 -10.73
CA ILE A 84 -8.95 10.28 -10.05
C ILE A 84 -8.59 11.60 -9.39
N LYS A 85 -8.75 12.68 -10.14
CA LYS A 85 -8.42 14.03 -9.71
C LYS A 85 -9.62 14.84 -9.27
N GLU A 86 -9.55 15.39 -8.07
CA GLU A 86 -10.60 16.23 -7.51
C GLU A 86 -12.03 15.68 -7.52
N PHE A 87 -12.17 14.44 -7.08
CA PHE A 87 -13.49 13.81 -7.03
C PHE A 87 -13.73 13.50 -5.55
N THR A 88 -14.69 14.18 -4.95
CA THR A 88 -14.96 14.00 -3.54
C THR A 88 -16.30 13.37 -3.14
N LYS A 89 -17.20 13.17 -4.11
CA LYS A 89 -18.51 12.58 -3.83
C LYS A 89 -18.47 11.17 -3.25
N GLY A 90 -17.38 10.45 -3.49
CA GLY A 90 -17.29 9.09 -3.00
C GLY A 90 -17.18 8.17 -4.21
N ILE A 91 -16.16 7.33 -4.21
CA ILE A 91 -15.93 6.42 -5.32
C ILE A 91 -15.24 5.12 -4.87
N THR A 92 -15.78 4.00 -5.34
CA THR A 92 -15.22 2.69 -5.02
C THR A 92 -14.95 1.99 -6.34
N ILE A 93 -13.72 1.54 -6.54
CA ILE A 93 -13.38 0.79 -7.74
C ILE A 93 -13.11 -0.62 -7.28
N ILE A 94 -14.02 -1.53 -7.65
CA ILE A 94 -13.90 -2.92 -7.27
C ILE A 94 -13.61 -3.72 -8.51
N GLY A 95 -12.57 -4.53 -8.47
CA GLY A 95 -12.25 -5.35 -9.60
C GLY A 95 -13.18 -6.54 -9.47
N ALA A 96 -13.68 -7.04 -10.59
CA ALA A 96 -14.57 -8.19 -10.55
C ALA A 96 -13.65 -9.40 -10.48
N ASN A 97 -14.12 -10.49 -9.87
CA ASN A 97 -13.30 -11.68 -9.78
C ASN A 97 -12.88 -12.09 -11.19
N GLY A 98 -11.58 -12.25 -11.40
CA GLY A 98 -11.07 -12.63 -12.71
C GLY A 98 -10.44 -11.47 -13.47
N SER A 99 -10.72 -10.24 -13.02
CA SER A 99 -10.18 -9.07 -13.68
C SER A 99 -8.68 -8.89 -13.39
N SER A 100 -8.03 -8.04 -14.19
CA SER A 100 -6.62 -7.74 -14.03
C SER A 100 -6.34 -6.46 -14.78
N ALA A 101 -5.34 -5.71 -14.33
CA ALA A 101 -4.99 -4.44 -14.94
C ALA A 101 -3.49 -4.26 -15.10
N ASN A 102 -3.12 -3.60 -16.20
CA ASN A 102 -1.73 -3.31 -16.47
C ASN A 102 -1.64 -1.80 -16.53
N PHE A 103 -2.46 -1.16 -15.70
CA PHE A 103 -2.48 0.29 -15.57
C PHE A 103 -2.66 0.55 -14.07
N GLY A 104 -2.22 1.72 -13.61
CA GLY A 104 -2.35 2.04 -12.19
C GLY A 104 -3.52 2.94 -11.91
N ILE A 105 -3.76 3.21 -10.64
CA ILE A 105 -4.83 4.10 -10.21
C ILE A 105 -4.11 5.22 -9.47
N TRP A 106 -4.24 6.44 -9.96
CA TRP A 106 -3.56 7.59 -9.36
C TRP A 106 -4.56 8.58 -8.79
N ILE A 107 -4.64 8.62 -7.47
CA ILE A 107 -5.59 9.47 -6.77
C ILE A 107 -4.91 10.79 -6.47
N LYS A 108 -5.55 11.87 -6.86
CA LYS A 108 -5.00 13.20 -6.67
C LYS A 108 -6.05 14.20 -6.21
N LYS A 109 -5.82 14.79 -5.05
CA LYS A 109 -6.71 15.78 -4.48
C LYS A 109 -8.15 15.30 -4.37
N SER A 110 -8.32 14.07 -3.93
CA SER A 110 -9.65 13.51 -3.80
C SER A 110 -9.85 13.06 -2.35
N SER A 111 -11.00 12.48 -2.06
CA SER A 111 -11.35 11.98 -0.73
C SER A 111 -12.26 10.79 -0.93
N ASP A 112 -12.41 9.99 0.11
CA ASP A 112 -13.28 8.83 0.11
C ASP A 112 -13.20 7.98 -1.15
N VAL A 113 -12.01 7.44 -1.37
CA VAL A 113 -11.74 6.59 -2.50
C VAL A 113 -11.41 5.22 -1.94
N VAL A 114 -12.04 4.18 -2.48
CA VAL A 114 -11.78 2.82 -2.04
C VAL A 114 -11.38 2.03 -3.26
N VAL A 115 -10.26 1.33 -3.16
CA VAL A 115 -9.75 0.51 -4.24
C VAL A 115 -9.67 -0.92 -3.68
N GLN A 116 -10.51 -1.80 -4.22
CA GLN A 116 -10.55 -3.17 -3.77
C GLN A 116 -10.53 -4.19 -4.88
N ASN A 117 -10.09 -5.39 -4.53
CA ASN A 117 -10.03 -6.54 -5.42
C ASN A 117 -9.45 -6.33 -6.83
N MET A 118 -8.38 -5.54 -6.93
CA MET A 118 -7.72 -5.30 -8.21
C MET A 118 -6.38 -6.03 -8.30
N ARG A 119 -6.12 -6.70 -9.41
CA ARG A 119 -4.86 -7.39 -9.60
C ARG A 119 -4.09 -6.50 -10.56
N ILE A 120 -3.09 -5.79 -10.05
CA ILE A 120 -2.29 -4.87 -10.86
C ILE A 120 -0.85 -5.33 -10.83
N GLY A 121 -0.24 -5.50 -12.00
CA GLY A 121 1.15 -5.94 -12.04
C GLY A 121 1.95 -5.59 -13.27
N TYR A 122 3.27 -5.52 -13.09
CA TYR A 122 4.22 -5.22 -14.17
C TYR A 122 3.86 -4.00 -15.01
N LEU A 123 3.54 -2.89 -14.35
CA LEU A 123 3.16 -1.69 -15.07
C LEU A 123 4.29 -1.11 -15.90
N PRO A 124 3.96 -0.47 -17.03
CA PRO A 124 5.03 0.12 -17.84
C PRO A 124 5.29 1.53 -17.32
N GLY A 125 6.39 2.14 -17.77
CA GLY A 125 6.71 3.50 -17.36
C GLY A 125 7.28 3.73 -15.98
N GLY A 126 8.15 2.83 -15.53
CA GLY A 126 8.77 2.99 -14.22
C GLY A 126 9.59 4.27 -14.15
N ALA A 127 10.21 4.62 -15.28
CA ALA A 127 11.05 5.82 -15.38
C ALA A 127 10.21 7.09 -15.36
N LYS A 128 8.90 6.94 -15.54
CA LYS A 128 7.97 8.07 -15.53
C LYS A 128 6.88 7.98 -14.45
N ASP A 129 7.28 7.50 -13.27
CA ASP A 129 6.41 7.38 -12.10
C ASP A 129 5.16 6.50 -12.30
N GLY A 130 5.33 5.38 -12.99
CA GLY A 130 4.22 4.47 -13.21
C GLY A 130 3.90 3.64 -11.98
N ASP A 131 3.37 4.30 -10.95
CA ASP A 131 3.00 3.62 -9.70
C ASP A 131 1.75 2.78 -9.91
N MET A 132 1.63 1.67 -9.19
CA MET A 132 0.43 0.83 -9.29
C MET A 132 -0.73 1.56 -8.62
N ILE A 133 -0.44 2.23 -7.50
CA ILE A 133 -1.42 3.02 -6.77
C ILE A 133 -0.66 4.18 -6.15
N ARG A 134 -1.19 5.38 -6.33
CA ARG A 134 -0.57 6.58 -5.80
C ARG A 134 -1.67 7.39 -5.14
N VAL A 135 -1.40 7.86 -3.92
CA VAL A 135 -2.35 8.64 -3.14
C VAL A 135 -1.68 9.97 -2.84
N ASP A 136 -2.16 11.03 -3.47
CA ASP A 136 -1.59 12.36 -3.32
C ASP A 136 -2.62 13.37 -2.85
N ASP A 137 -2.34 14.07 -1.77
CA ASP A 137 -3.27 15.07 -1.22
C ASP A 137 -4.67 14.49 -1.16
N SER A 138 -4.78 13.23 -0.73
CA SER A 138 -6.06 12.56 -0.66
C SER A 138 -6.32 11.89 0.69
N PRO A 139 -7.10 12.54 1.56
CA PRO A 139 -7.41 11.95 2.86
C PRO A 139 -8.52 10.90 2.76
N ASN A 140 -8.58 10.01 3.74
CA ASN A 140 -9.59 8.95 3.79
C ASN A 140 -9.68 8.02 2.59
N VAL A 141 -8.55 7.40 2.26
CA VAL A 141 -8.48 6.45 1.17
C VAL A 141 -8.25 5.06 1.77
N TRP A 142 -8.87 4.05 1.17
CA TRP A 142 -8.75 2.68 1.65
C TRP A 142 -8.33 1.80 0.48
N VAL A 143 -7.15 1.20 0.61
CA VAL A 143 -6.60 0.31 -0.41
C VAL A 143 -6.69 -1.05 0.26
N ASP A 144 -7.67 -1.84 -0.14
CA ASP A 144 -7.94 -3.12 0.49
C ASP A 144 -8.10 -4.30 -0.48
N HIS A 145 -7.57 -5.45 -0.07
CA HIS A 145 -7.66 -6.70 -0.83
C HIS A 145 -7.22 -6.62 -2.29
N ASN A 146 -6.06 -6.05 -2.53
CA ASN A 146 -5.52 -5.92 -3.88
C ASN A 146 -4.27 -6.80 -4.01
N GLU A 147 -3.90 -7.16 -5.23
CA GLU A 147 -2.69 -7.92 -5.43
C GLU A 147 -1.78 -7.04 -6.28
N LEU A 148 -0.72 -6.51 -5.67
CA LEU A 148 0.19 -5.63 -6.35
C LEU A 148 1.51 -6.36 -6.54
N PHE A 149 1.90 -6.60 -7.78
CA PHE A 149 3.13 -7.33 -8.04
C PHE A 149 3.93 -6.90 -9.27
N ALA A 150 5.15 -7.41 -9.36
CA ALA A 150 6.03 -7.11 -10.47
C ALA A 150 7.19 -8.08 -10.25
N ALA A 151 8.41 -7.63 -10.49
CA ALA A 151 9.55 -8.49 -10.27
C ALA A 151 10.51 -7.72 -9.39
N ASN A 152 10.88 -8.30 -8.25
CA ASN A 152 11.82 -7.63 -7.33
C ASN A 152 13.18 -7.79 -7.98
N HIS A 153 13.43 -6.91 -8.96
CA HIS A 153 14.66 -6.94 -9.72
C HIS A 153 14.91 -5.59 -10.37
N GLU A 154 16.17 -5.23 -10.49
CA GLU A 154 16.55 -3.98 -11.13
C GLU A 154 17.36 -4.31 -12.37
N CYS A 155 16.95 -3.72 -13.47
CA CYS A 155 17.62 -3.92 -14.73
C CYS A 155 18.73 -2.88 -14.85
N ASP A 156 19.69 -3.20 -15.71
CA ASP A 156 20.83 -2.33 -15.94
C ASP A 156 20.46 -1.21 -16.88
N GLY A 157 21.12 -0.08 -16.71
CA GLY A 157 20.89 1.08 -17.57
C GLY A 157 19.59 1.82 -17.42
N THR A 158 18.89 1.59 -16.31
CA THR A 158 17.63 2.28 -16.07
C THR A 158 17.94 3.63 -15.44
N PRO A 159 17.14 4.65 -15.76
CA PRO A 159 17.34 6.00 -15.20
C PRO A 159 17.42 5.92 -13.69
N ASP A 160 18.44 6.54 -13.13
CA ASP A 160 18.68 6.56 -11.68
C ASP A 160 18.93 5.18 -11.10
N ASN A 161 19.01 4.18 -11.98
CA ASN A 161 19.27 2.79 -11.61
C ASN A 161 18.28 2.39 -10.52
N ASP A 162 17.03 2.79 -10.71
CA ASP A 162 16.01 2.53 -9.72
C ASP A 162 14.61 2.52 -10.33
N THR A 163 14.52 2.67 -11.64
CA THR A 163 13.22 2.75 -12.29
C THR A 163 12.75 1.60 -13.18
N THR A 164 13.13 0.36 -12.88
CA THR A 164 12.70 -0.78 -13.69
C THR A 164 11.19 -0.87 -13.56
N PHE A 165 10.73 -0.64 -12.34
CA PHE A 165 9.32 -0.63 -11.97
C PHE A 165 9.25 0.42 -10.87
N GLU A 166 8.10 1.06 -10.71
CA GLU A 166 7.93 2.02 -9.66
C GLU A 166 7.20 1.34 -8.50
N SER A 167 6.80 2.12 -7.50
CA SER A 167 6.15 1.61 -6.31
C SER A 167 4.77 0.98 -6.39
N ALA A 168 4.43 0.22 -5.36
CA ALA A 168 3.15 -0.45 -5.24
C ALA A 168 2.09 0.52 -4.71
N VAL A 169 2.36 1.18 -3.59
CA VAL A 169 1.42 2.13 -3.00
C VAL A 169 2.15 3.35 -2.46
N ASP A 170 2.23 4.42 -3.22
CA ASP A 170 2.90 5.64 -2.77
C ASP A 170 1.92 6.60 -2.15
N ILE A 171 2.23 7.07 -0.96
CA ILE A 171 1.37 8.01 -0.26
C ILE A 171 2.18 9.26 -0.03
N LYS A 172 1.60 10.39 -0.38
CA LYS A 172 2.29 11.65 -0.19
C LYS A 172 1.33 12.79 -0.04
N GLY A 173 1.86 13.92 0.40
CA GLY A 173 1.06 15.10 0.57
C GLY A 173 0.05 15.00 1.68
N ALA A 174 -1.03 15.75 1.54
CA ALA A 174 -2.10 15.78 2.51
C ALA A 174 -3.01 14.57 2.57
N SER A 175 -2.46 13.39 2.32
CA SER A 175 -3.22 12.15 2.39
C SER A 175 -3.17 11.82 3.88
N ASN A 176 -3.83 12.64 4.68
CA ASN A 176 -3.85 12.54 6.13
C ASN A 176 -4.26 11.26 6.83
N THR A 177 -5.27 10.57 6.31
CA THR A 177 -5.68 9.32 6.92
C THR A 177 -5.78 8.31 5.82
N VAL A 178 -5.10 7.18 5.97
CA VAL A 178 -5.13 6.13 4.95
C VAL A 178 -4.99 4.76 5.61
N THR A 179 -5.66 3.77 5.05
CA THR A 179 -5.58 2.40 5.53
C THR A 179 -5.23 1.52 4.34
N VAL A 180 -4.16 0.76 4.48
CA VAL A 180 -3.69 -0.15 3.44
C VAL A 180 -3.80 -1.52 4.10
N SER A 181 -4.78 -2.29 3.67
CA SER A 181 -5.02 -3.59 4.28
C SER A 181 -5.28 -4.76 3.33
N TYR A 182 -5.04 -5.96 3.86
CA TYR A 182 -5.24 -7.21 3.15
C TYR A 182 -4.72 -7.22 1.72
N ASN A 183 -3.54 -6.66 1.51
CA ASN A 183 -2.96 -6.63 0.19
C ASN A 183 -1.88 -7.68 0.06
N TYR A 184 -1.82 -8.34 -1.09
CA TYR A 184 -0.79 -9.33 -1.34
C TYR A 184 0.22 -8.65 -2.25
N ILE A 185 1.29 -8.16 -1.66
CA ILE A 185 2.32 -7.45 -2.38
C ILE A 185 3.53 -8.37 -2.50
N HIS A 186 3.89 -8.73 -3.72
CA HIS A 186 5.01 -9.62 -3.93
C HIS A 186 5.82 -9.24 -5.15
N GLY A 187 7.12 -9.49 -5.08
CA GLY A 187 7.98 -9.17 -6.21
C GLY A 187 8.05 -7.69 -6.51
N VAL A 188 8.05 -6.85 -5.48
CA VAL A 188 8.13 -5.41 -5.68
C VAL A 188 9.38 -4.88 -4.99
N LYS A 189 10.22 -4.16 -5.73
CA LYS A 189 11.43 -3.61 -5.15
C LYS A 189 11.14 -2.46 -4.16
N LYS A 190 10.43 -1.43 -4.61
CA LYS A 190 10.07 -0.31 -3.73
C LYS A 190 8.59 -0.42 -3.48
N VAL A 191 8.21 -0.93 -2.32
CA VAL A 191 6.80 -1.12 -2.00
C VAL A 191 6.01 0.18 -1.94
N GLY A 192 6.47 1.16 -1.18
CA GLY A 192 5.73 2.39 -1.13
C GLY A 192 6.25 3.38 -0.13
N LEU A 193 6.09 4.66 -0.42
CA LEU A 193 6.56 5.65 0.52
C LEU A 193 5.40 6.27 1.28
N ASP A 194 5.74 6.96 2.36
CA ASP A 194 4.79 7.65 3.23
C ASP A 194 5.54 8.97 3.46
N GLY A 195 5.41 9.85 2.46
CA GLY A 195 6.07 11.14 2.47
C GLY A 195 7.04 11.10 1.31
N SER A 196 6.93 12.06 0.41
CA SER A 196 7.79 12.11 -0.76
C SER A 196 9.15 12.74 -0.53
N SER A 197 9.29 13.50 0.54
CA SER A 197 10.55 14.18 0.83
C SER A 197 10.64 14.47 2.32
N SER A 198 11.80 14.94 2.77
CA SER A 198 12.01 15.25 4.17
C SER A 198 11.03 16.30 4.66
N SER A 199 10.54 17.13 3.75
CA SER A 199 9.59 18.18 4.11
C SER A 199 8.15 17.66 4.10
N ASP A 200 7.90 16.59 3.36
CA ASP A 200 6.58 16.00 3.27
C ASP A 200 6.35 15.04 4.43
N THR A 201 6.24 15.59 5.62
CA THR A 201 6.05 14.80 6.83
C THR A 201 4.63 14.87 7.38
N GLY A 202 4.17 13.79 8.01
CA GLY A 202 2.84 13.78 8.59
C GLY A 202 2.04 12.56 8.24
N ARG A 203 0.70 12.71 8.26
CA ARG A 203 -0.24 11.63 7.93
C ARG A 203 -0.29 10.55 8.99
N ASN A 204 -1.42 9.84 9.03
CA ASN A 204 -1.64 8.74 9.96
C ASN A 204 -2.00 7.56 9.09
N ILE A 205 -1.09 6.60 8.96
CA ILE A 205 -1.33 5.45 8.09
C ILE A 205 -1.43 4.18 8.89
N THR A 206 -2.32 3.27 8.46
CA THR A 206 -2.48 1.99 9.11
C THR A 206 -2.23 0.91 8.08
N TYR A 207 -1.24 0.08 8.32
CA TYR A 207 -0.93 -1.02 7.43
C TYR A 207 -1.25 -2.27 8.21
N HIS A 208 -2.29 -2.99 7.82
CA HIS A 208 -2.64 -4.19 8.54
C HIS A 208 -3.10 -5.33 7.67
N HIS A 209 -2.76 -6.53 8.13
CA HIS A 209 -3.13 -7.75 7.44
C HIS A 209 -2.60 -7.84 6.01
N ASN A 210 -1.45 -7.22 5.76
CA ASN A 210 -0.86 -7.27 4.43
C ASN A 210 0.14 -8.40 4.42
N TYR A 211 0.22 -9.08 3.29
CA TYR A 211 1.16 -10.18 3.14
C TYR A 211 2.19 -9.69 2.12
N TYR A 212 3.41 -9.48 2.59
CA TYR A 212 4.50 -9.03 1.74
C TYR A 212 5.40 -10.24 1.53
N ASN A 213 5.84 -10.44 0.29
CA ASN A 213 6.70 -11.56 0.00
C ASN A 213 7.61 -11.21 -1.17
N ASP A 214 8.91 -11.41 -0.97
CA ASP A 214 9.89 -11.13 -2.01
C ASP A 214 9.80 -9.64 -2.36
N VAL A 215 10.07 -8.80 -1.37
CA VAL A 215 10.03 -7.36 -1.56
C VAL A 215 11.35 -6.85 -1.04
N ASN A 216 11.84 -5.78 -1.65
CA ASN A 216 13.13 -5.26 -1.25
C ASN A 216 13.12 -4.26 -0.10
N ALA A 217 12.31 -3.20 -0.21
CA ALA A 217 12.29 -2.20 0.85
C ALA A 217 11.08 -1.28 0.83
N ARG A 218 11.03 -0.37 1.81
CA ARG A 218 9.97 0.63 1.95
C ARG A 218 8.63 0.02 2.36
N LEU A 219 8.53 -0.39 3.63
CA LEU A 219 7.32 -1.04 4.14
C LEU A 219 6.64 -0.38 5.34
N PRO A 220 6.49 0.95 5.38
CA PRO A 220 6.89 1.95 4.38
C PRO A 220 8.19 2.68 4.70
N LEU A 221 8.54 3.60 3.80
CA LEU A 221 9.67 4.46 4.01
C LEU A 221 8.84 5.57 4.63
N GLN A 222 8.82 5.62 5.95
CA GLN A 222 8.01 6.59 6.64
C GLN A 222 8.70 7.91 6.94
N ARG A 223 7.99 8.99 6.65
CA ARG A 223 8.51 10.32 6.93
C ARG A 223 7.60 11.09 7.86
N GLY A 224 7.95 11.04 9.14
CA GLY A 224 7.18 11.71 10.18
C GLY A 224 5.84 11.03 10.35
N GLY A 225 4.96 11.65 11.12
CA GLY A 225 3.64 11.09 11.33
C GLY A 225 3.50 9.87 12.22
N LEU A 226 2.45 9.11 11.95
CA LEU A 226 2.16 7.92 12.72
C LEU A 226 1.90 6.79 11.77
N VAL A 227 2.37 5.61 12.13
CA VAL A 227 2.15 4.43 11.33
C VAL A 227 1.87 3.30 12.30
N HIS A 228 0.74 2.63 12.09
CA HIS A 228 0.38 1.51 12.93
C HIS A 228 0.43 0.29 12.03
N ALA A 229 1.38 -0.58 12.29
CA ALA A 229 1.54 -1.80 11.50
C ALA A 229 1.21 -2.99 12.40
N TYR A 230 0.05 -3.60 12.17
CA TYR A 230 -0.36 -4.76 12.95
C TYR A 230 -0.90 -5.90 12.07
N ASN A 231 -0.60 -7.12 12.48
CA ASN A 231 -1.05 -8.32 11.77
C ASN A 231 -0.59 -8.50 10.34
N ASN A 232 0.63 -8.04 10.03
CA ASN A 232 1.19 -8.18 8.69
C ASN A 232 2.14 -9.37 8.68
N LEU A 233 2.25 -10.02 7.53
CA LEU A 233 3.16 -11.16 7.37
C LEU A 233 4.31 -10.67 6.48
N TYR A 234 5.50 -10.55 7.06
CA TYR A 234 6.67 -10.07 6.33
C TYR A 234 7.67 -11.19 6.12
N THR A 235 7.80 -11.68 4.90
CA THR A 235 8.76 -12.73 4.60
C THR A 235 9.59 -12.36 3.40
N ASN A 236 10.84 -12.81 3.41
CA ASN A 236 11.75 -12.56 2.32
C ASN A 236 11.88 -11.08 1.98
N ILE A 237 12.33 -10.31 2.95
CA ILE A 237 12.54 -8.89 2.76
C ILE A 237 14.04 -8.79 2.47
N THR A 238 14.38 -8.41 1.24
CA THR A 238 15.78 -8.34 0.80
C THR A 238 16.66 -7.13 1.12
N GLY A 239 16.06 -6.03 1.58
CA GLY A 239 16.85 -4.85 1.90
C GLY A 239 16.60 -4.26 3.28
N SER A 240 15.36 -3.81 3.51
CA SER A 240 14.97 -3.22 4.79
C SER A 240 13.44 -3.23 4.90
N GLY A 241 12.93 -3.19 6.12
CA GLY A 241 11.49 -3.23 6.32
C GLY A 241 10.90 -1.86 6.53
N LEU A 242 10.40 -1.62 7.73
CA LEU A 242 9.80 -0.34 8.07
C LEU A 242 10.95 0.60 8.37
N ASN A 243 11.07 1.66 7.59
CA ASN A 243 12.16 2.62 7.78
C ASN A 243 11.54 3.86 8.37
N VAL A 244 11.58 3.96 9.69
CA VAL A 244 10.99 5.08 10.40
C VAL A 244 11.91 6.30 10.42
N ARG A 245 11.58 7.30 9.62
CA ARG A 245 12.42 8.49 9.51
C ARG A 245 11.73 9.79 9.86
N GLN A 246 12.50 10.88 9.81
CA GLN A 246 12.02 12.22 10.14
C GLN A 246 11.17 12.25 11.40
N ASN A 247 11.66 11.60 12.42
CA ASN A 247 10.98 11.55 13.71
C ASN A 247 9.59 10.92 13.71
N GLY A 248 9.37 9.95 12.83
CA GLY A 248 8.07 9.29 12.77
C GLY A 248 7.92 8.33 13.93
N GLN A 249 6.69 8.01 14.30
CA GLN A 249 6.43 7.08 15.37
C GLN A 249 5.70 5.90 14.80
N ALA A 250 6.12 4.70 15.16
CA ALA A 250 5.48 3.50 14.66
C ALA A 250 5.09 2.59 15.79
N LEU A 251 3.96 1.90 15.62
CA LEU A 251 3.49 0.93 16.61
C LEU A 251 3.50 -0.38 15.84
N ILE A 252 4.51 -1.19 16.11
CA ILE A 252 4.66 -2.47 15.44
C ILE A 252 4.19 -3.61 16.35
N GLU A 253 2.97 -4.08 16.12
CA GLU A 253 2.41 -5.13 16.95
C GLU A 253 1.77 -6.33 16.25
N ASN A 254 1.95 -7.49 16.86
CA ASN A 254 1.40 -8.75 16.39
C ASN A 254 1.67 -9.05 14.92
N ASN A 255 2.92 -8.88 14.52
CA ASN A 255 3.34 -9.14 13.15
C ASN A 255 4.21 -10.37 13.16
N TRP A 256 4.46 -10.91 11.98
CA TRP A 256 5.30 -12.08 11.84
C TRP A 256 6.42 -11.76 10.86
N PHE A 257 7.65 -11.73 11.37
CA PHE A 257 8.83 -11.45 10.55
C PHE A 257 9.60 -12.74 10.35
N GLU A 258 10.08 -12.95 9.13
CA GLU A 258 10.83 -14.14 8.80
C GLU A 258 11.65 -13.90 7.54
N LYS A 259 12.87 -14.41 7.55
CA LYS A 259 13.80 -14.25 6.44
C LYS A 259 13.74 -12.78 5.99
N ALA A 260 14.12 -11.91 6.91
CA ALA A 260 14.09 -10.48 6.68
C ALA A 260 15.36 -9.79 7.12
N ILE A 261 15.89 -8.91 6.27
CA ILE A 261 17.09 -8.13 6.58
C ILE A 261 16.64 -6.74 7.00
N ASN A 262 17.10 -6.29 8.16
CA ASN A 262 16.75 -4.98 8.70
C ASN A 262 15.24 -4.74 8.70
N PRO A 263 14.45 -5.65 9.32
CA PRO A 263 12.99 -5.47 9.36
C PRO A 263 12.45 -4.16 9.94
N VAL A 264 13.11 -3.62 10.96
CA VAL A 264 12.70 -2.37 11.57
C VAL A 264 13.97 -1.58 11.73
N THR A 265 14.05 -0.45 11.04
CA THR A 265 15.24 0.38 11.07
C THR A 265 14.89 1.85 10.85
N SER A 266 15.91 2.70 10.89
CA SER A 266 15.80 4.13 10.65
C SER A 266 17.15 4.45 10.02
N ARG A 267 17.17 4.64 8.70
CA ARG A 267 18.43 4.90 8.02
C ARG A 267 18.27 5.74 6.76
N TYR A 268 19.40 6.26 6.27
CA TYR A 268 19.53 7.07 5.06
C TYR A 268 19.58 8.57 5.24
N ASP A 269 19.10 9.06 6.38
CA ASP A 269 19.14 10.48 6.66
C ASP A 269 20.37 10.78 7.51
N GLY A 270 20.71 9.85 8.39
CA GLY A 270 21.84 10.04 9.27
C GLY A 270 21.47 10.88 10.48
N LYS A 271 20.18 11.18 10.62
CA LYS A 271 19.67 11.98 11.73
C LYS A 271 18.14 11.97 11.77
N ASN A 272 17.57 12.55 12.82
CA ASN A 272 16.13 12.63 13.02
C ASN A 272 15.48 11.26 12.96
N PHE A 273 16.04 10.32 13.72
CA PHE A 273 15.56 8.95 13.76
C PHE A 273 14.17 8.86 14.31
N GLY A 274 13.39 7.94 13.74
CA GLY A 274 12.04 7.73 14.20
C GLY A 274 12.06 6.71 15.30
N THR A 275 10.90 6.50 15.93
CA THR A 275 10.80 5.56 17.03
C THR A 275 9.82 4.45 16.74
N TRP A 276 9.86 3.42 17.58
CA TRP A 276 8.96 2.30 17.44
C TRP A 276 8.65 1.65 18.78
N VAL A 277 7.41 1.18 18.91
CA VAL A 277 6.95 0.48 20.09
C VAL A 277 6.75 -0.93 19.56
N LEU A 278 7.48 -1.88 20.14
CA LEU A 278 7.37 -3.25 19.69
C LEU A 278 6.55 -4.10 20.65
N LYS A 279 5.48 -4.71 20.16
CA LYS A 279 4.67 -5.56 21.01
C LYS A 279 3.90 -6.71 20.35
N GLY A 280 4.12 -7.91 20.88
CA GLY A 280 3.42 -9.09 20.41
C GLY A 280 3.79 -9.70 19.08
N ASN A 281 4.97 -9.40 18.59
CA ASN A 281 5.41 -9.96 17.31
C ASN A 281 6.00 -11.33 17.59
N ASN A 282 6.27 -12.11 16.55
CA ASN A 282 6.85 -13.43 16.77
C ASN A 282 8.24 -13.27 17.42
N ILE A 283 8.89 -12.15 17.14
CA ILE A 283 10.19 -11.86 17.72
C ILE A 283 9.94 -11.06 18.99
N THR A 284 10.53 -11.52 20.10
CA THR A 284 10.35 -10.85 21.39
C THR A 284 11.67 -10.40 22.02
N LYS A 285 12.77 -10.98 21.55
CA LYS A 285 14.08 -10.66 22.05
C LYS A 285 15.07 -11.09 21.01
N PRO A 286 16.30 -10.57 21.06
CA PRO A 286 17.35 -10.91 20.10
C PRO A 286 17.61 -12.40 19.92
N ALA A 287 17.21 -13.20 20.91
CA ALA A 287 17.40 -14.65 20.84
C ALA A 287 16.57 -15.30 19.74
N ASP A 288 15.53 -14.61 19.28
CA ASP A 288 14.66 -15.14 18.24
C ASP A 288 15.13 -14.79 16.84
N PHE A 289 16.12 -13.91 16.75
CA PHE A 289 16.64 -13.52 15.45
C PHE A 289 17.08 -14.74 14.65
N SER A 290 17.89 -15.59 15.26
CA SER A 290 18.37 -16.78 14.57
C SER A 290 17.23 -17.74 14.25
N THR A 291 16.22 -17.80 15.12
CA THR A 291 15.08 -18.69 14.94
C THR A 291 14.27 -18.35 13.67
N TYR A 292 14.12 -17.06 13.38
CA TYR A 292 13.34 -16.62 12.23
C TYR A 292 14.17 -16.02 11.10
N SER A 293 15.46 -16.32 11.08
CA SER A 293 16.37 -15.82 10.06
C SER A 293 16.37 -14.29 9.87
N ILE A 294 16.57 -13.57 10.97
CA ILE A 294 16.59 -12.12 10.94
C ILE A 294 18.04 -11.65 10.96
N THR A 295 18.46 -10.92 9.93
CA THR A 295 19.82 -10.40 9.84
C THR A 295 19.83 -8.88 9.78
N TRP A 296 20.90 -8.26 10.25
CA TRP A 296 21.03 -6.81 10.27
C TRP A 296 22.30 -6.35 9.59
N THR A 297 22.27 -5.16 9.00
CA THR A 297 23.45 -4.60 8.35
C THR A 297 23.59 -3.17 8.83
N ALA A 298 24.75 -2.58 8.62
CA ALA A 298 24.99 -1.20 9.01
C ALA A 298 24.72 -0.30 7.80
N ASP A 299 24.88 0.99 7.97
CA ASP A 299 24.67 1.94 6.89
C ASP A 299 25.85 2.88 6.98
N THR A 300 26.22 3.49 5.86
CA THR A 300 27.34 4.41 5.82
C THR A 300 27.08 5.72 6.56
N LYS A 301 25.82 5.98 6.88
CA LYS A 301 25.42 7.18 7.61
C LYS A 301 24.87 6.71 8.96
N PRO A 302 24.86 7.59 9.98
CA PRO A 302 24.33 7.16 11.28
C PRO A 302 22.93 6.57 11.08
N TYR A 303 22.68 5.45 11.75
CA TYR A 303 21.42 4.75 11.62
C TYR A 303 21.07 4.11 12.96
N VAL A 304 19.85 3.60 13.05
CA VAL A 304 19.38 2.92 14.24
C VAL A 304 18.69 1.65 13.78
N ASN A 305 19.10 0.52 14.32
CA ASN A 305 18.48 -0.77 13.98
C ASN A 305 17.76 -1.25 15.24
N ALA A 306 16.71 -2.05 15.09
CA ALA A 306 16.02 -2.58 16.26
C ALA A 306 16.64 -3.93 16.66
N ASP A 307 17.97 -4.02 16.60
CA ASP A 307 18.68 -5.25 16.92
C ASP A 307 18.65 -5.68 18.40
N SER A 308 18.09 -4.81 19.23
CA SER A 308 17.94 -5.06 20.67
C SER A 308 16.50 -5.53 20.87
N TRP A 309 15.68 -5.26 19.85
CA TRP A 309 14.26 -5.56 19.83
C TRP A 309 13.52 -5.03 21.08
N THR A 310 13.69 -3.74 21.31
CA THR A 310 13.07 -3.04 22.43
C THR A 310 12.51 -1.74 21.88
N SER A 311 11.45 -1.24 22.52
CA SER A 311 10.83 0.01 22.11
C SER A 311 11.77 1.20 22.35
N THR A 312 11.82 2.11 21.39
CA THR A 312 12.69 3.27 21.51
C THR A 312 11.91 4.57 21.74
N GLY A 313 10.60 4.45 21.95
CA GLY A 313 9.80 5.62 22.18
C GLY A 313 8.40 5.26 22.64
N THR A 314 7.44 6.11 22.28
CA THR A 314 6.04 5.92 22.64
C THR A 314 5.13 6.01 21.41
N PHE A 315 3.84 5.84 21.64
CA PHE A 315 2.85 5.92 20.57
C PHE A 315 1.56 6.39 21.20
N PRO A 316 0.88 7.34 20.55
CA PRO A 316 -0.40 7.88 21.06
C PRO A 316 -1.44 6.79 21.14
N THR A 317 -2.55 7.10 21.79
CA THR A 317 -3.63 6.13 21.90
C THR A 317 -4.17 5.90 20.50
N VAL A 318 -4.25 4.63 20.09
CA VAL A 318 -4.79 4.30 18.79
C VAL A 318 -6.25 4.71 18.80
N ALA A 319 -6.57 5.72 18.00
CA ALA A 319 -7.92 6.26 17.90
C ALA A 319 -9.02 5.25 17.55
N TYR A 320 -8.85 4.59 16.43
CA TYR A 320 -9.82 3.61 15.95
C TYR A 320 -9.89 2.35 16.79
N ASN A 321 -10.96 1.59 16.58
CA ASN A 321 -11.16 0.35 17.30
C ASN A 321 -10.69 -0.79 16.39
N TYR A 322 -9.85 -1.66 16.93
CA TYR A 322 -9.33 -2.81 16.19
C TYR A 322 -9.02 -3.92 17.17
N SER A 323 -8.88 -5.14 16.67
CA SER A 323 -8.57 -6.27 17.53
C SER A 323 -7.59 -7.16 16.78
N PRO A 324 -6.29 -7.06 17.12
CA PRO A 324 -5.25 -7.86 16.48
C PRO A 324 -5.26 -9.32 16.87
N VAL A 325 -5.08 -10.18 15.88
CA VAL A 325 -5.04 -11.61 16.11
C VAL A 325 -3.57 -11.87 16.48
N SER A 326 -3.24 -13.07 16.95
CA SER A 326 -1.85 -13.36 17.33
C SER A 326 -0.90 -13.48 16.15
N ALA A 327 0.39 -13.26 16.39
CA ALA A 327 1.38 -13.35 15.33
C ALA A 327 1.34 -14.73 14.69
N GLN A 328 1.15 -15.76 15.51
CA GLN A 328 1.08 -17.14 15.00
C GLN A 328 -0.12 -17.33 14.08
N CYS A 329 -1.23 -16.67 14.38
CA CYS A 329 -2.42 -16.81 13.55
C CYS A 329 -2.23 -16.15 12.19
N VAL A 330 -1.48 -15.06 12.12
CA VAL A 330 -1.24 -14.40 10.84
C VAL A 330 -0.36 -15.31 9.99
N LYS A 331 0.66 -15.87 10.62
CA LYS A 331 1.58 -16.76 9.93
C LYS A 331 0.86 -17.99 9.37
N ASP A 332 -0.08 -18.51 10.13
CA ASP A 332 -0.81 -19.69 9.70
C ASP A 332 -1.99 -19.42 8.78
N LYS A 333 -2.71 -18.32 9.03
CA LYS A 333 -3.91 -18.01 8.26
C LYS A 333 -3.94 -16.84 7.30
N LEU A 334 -3.19 -15.78 7.55
CA LEU A 334 -3.21 -14.60 6.70
C LEU A 334 -3.15 -14.80 5.19
N PRO A 335 -2.26 -15.68 4.71
CA PRO A 335 -2.16 -15.91 3.26
C PRO A 335 -3.48 -16.26 2.57
N GLY A 336 -4.47 -16.67 3.36
CA GLY A 336 -5.76 -17.05 2.80
C GLY A 336 -6.83 -15.97 2.86
N TYR A 337 -6.46 -14.78 3.36
CA TYR A 337 -7.39 -13.67 3.47
C TYR A 337 -6.91 -12.46 2.70
N ALA A 338 -5.59 -12.37 2.52
CA ALA A 338 -4.98 -11.27 1.81
C ALA A 338 -5.02 -11.50 0.31
N GLY A 339 -5.27 -10.44 -0.45
CA GLY A 339 -5.30 -10.56 -1.89
C GLY A 339 -6.67 -10.47 -2.52
N VAL A 340 -6.72 -10.70 -3.83
CA VAL A 340 -7.94 -10.65 -4.60
C VAL A 340 -8.61 -12.02 -4.63
N GLY A 341 -9.93 -12.03 -4.84
CA GLY A 341 -10.66 -13.29 -4.90
C GLY A 341 -10.98 -13.95 -3.56
N LYS A 342 -10.69 -13.25 -2.46
CA LYS A 342 -10.97 -13.78 -1.12
C LYS A 342 -12.33 -13.24 -0.67
N ASN A 343 -13.05 -12.62 -1.60
CA ASN A 343 -14.36 -12.00 -1.33
C ASN A 343 -14.24 -11.01 -0.19
N LEU A 344 -13.11 -10.32 -0.15
CA LEU A 344 -12.83 -9.31 0.86
C LEU A 344 -12.94 -9.84 2.28
N ALA A 345 -12.51 -11.09 2.48
CA ALA A 345 -12.55 -11.72 3.79
C ALA A 345 -11.55 -11.11 4.76
N THR A 346 -11.87 -11.18 6.05
CA THR A 346 -11.03 -10.66 7.11
C THR A 346 -10.67 -11.74 8.13
N LEU A 347 -9.42 -11.70 8.62
CA LEU A 347 -8.93 -12.68 9.59
C LEU A 347 -9.30 -12.30 11.01
N THR A 348 -10.10 -13.15 11.64
CA THR A 348 -10.54 -12.94 13.01
C THR A 348 -10.01 -14.03 13.93
N SER A 349 -10.04 -13.76 15.24
CA SER A 349 -9.57 -14.70 16.25
C SER A 349 -10.31 -16.04 16.17
N THR A 350 -11.56 -16.00 15.72
CA THR A 350 -12.39 -17.19 15.59
C THR A 350 -11.86 -18.17 14.54
N ALA A 351 -11.01 -17.68 13.64
CA ALA A 351 -10.44 -18.50 12.58
C ALA A 351 -9.00 -18.94 12.93
N CYS A 352 -8.63 -18.77 14.19
CA CYS A 352 -7.30 -19.14 14.66
C CYS A 352 -7.35 -20.42 15.49
N LYS A 353 -8.22 -20.51 16.39
LU LU B . 5.99 6.74 -7.32
#